data_6VVC
#
_entry.id   6VVC
#
_cell.length_a   62.961
_cell.length_b   62.961
_cell.length_c   176.407
_cell.angle_alpha   90.000
_cell.angle_beta   90.000
_cell.angle_gamma   120.000
#
_symmetry.space_group_name_H-M   'P 31 2 1'
#
loop_
_entity.id
_entity.type
_entity.pdbx_description
1 polymer 'Dot/Icm T4SS effector'
2 non-polymer 1,2-ETHANEDIOL
3 water water
#
_entity_poly.entity_id   1
_entity_poly.type   'polypeptide(L)'
_entity_poly.pdbx_seq_one_letter_code
;SMLKYSTNMLELAMPKINKIVNGTDLTPHYLSEPNKEFKIYRYNNEVYAVRFENDEPMDYVLMWKSHKSEHTQNSEMIKN
TEEDYKELGKGEQGTVYEKTEDKAMKVSRGRHPREFYEEINLHIIEQQFFLKYHGIQEHFVLGLWNIKNEENVYFYMPKI
NAIPINKKIDQPKIEEFVLALKELNDAGYWHPDLANNPYHISPQNLIATEEMVKTIDLDGGFRYDKGRVDELSRKSLVYG
KDQWLYVYNFIYPPTDEEDHRIDWRVPIEKWYENNRDESLSDNPHTLLRFYHEGLISLPKKLAHDLHETILEEL
;
_entity_poly.pdbx_strand_id   A
#
# COMPACT_ATOMS: atom_id res chain seq x y z
N SER A 1 -14.68 -13.74 -42.51
CA SER A 1 -15.48 -13.10 -41.48
C SER A 1 -15.27 -13.81 -40.15
N MET A 2 -15.48 -15.13 -40.13
CA MET A 2 -14.85 -15.94 -39.08
C MET A 2 -13.34 -15.81 -39.20
N LEU A 3 -12.84 -15.70 -40.42
CA LEU A 3 -11.44 -15.37 -40.67
C LEU A 3 -11.11 -14.00 -40.09
N LYS A 4 -11.86 -12.97 -40.48
CA LYS A 4 -11.58 -11.63 -39.99
C LYS A 4 -11.74 -11.53 -38.48
N TYR A 5 -12.71 -12.26 -37.93
CA TYR A 5 -12.89 -12.26 -36.48
C TYR A 5 -11.74 -12.96 -35.77
N SER A 6 -11.18 -14.01 -36.39
CA SER A 6 -10.01 -14.66 -35.79
C SER A 6 -8.77 -13.79 -35.92
N THR A 7 -8.70 -12.95 -36.96
CA THR A 7 -7.54 -12.06 -37.10
C THR A 7 -7.58 -10.95 -36.07
N ASN A 8 -8.77 -10.42 -35.78
CA ASN A 8 -8.88 -9.38 -34.76
C ASN A 8 -8.51 -9.93 -33.39
N MET A 9 -9.09 -11.07 -33.01
CA MET A 9 -8.78 -11.66 -31.71
C MET A 9 -7.30 -11.97 -31.57
N LEU A 10 -6.63 -12.34 -32.67
CA LEU A 10 -5.20 -12.63 -32.61
C LEU A 10 -4.41 -11.37 -32.29
N GLU A 11 -4.67 -10.28 -33.01
CA GLU A 11 -4.00 -9.01 -32.71
C GLU A 11 -4.18 -8.62 -31.25
N LEU A 12 -5.38 -8.84 -30.70
CA LEU A 12 -5.65 -8.48 -29.32
C LEU A 12 -4.92 -9.36 -28.32
N ALA A 13 -4.57 -10.59 -28.70
CA ALA A 13 -3.95 -11.54 -27.78
C ALA A 13 -2.44 -11.39 -27.70
N MET A 14 -1.86 -10.49 -28.49
CA MET A 14 -0.44 -10.18 -28.38
C MET A 14 -0.07 -9.94 -26.92
N PRO A 15 0.99 -10.58 -26.41
CA PRO A 15 1.37 -10.36 -25.00
C PRO A 15 1.56 -8.88 -24.70
N LYS A 16 0.96 -8.45 -23.58
CA LYS A 16 0.89 -7.02 -23.27
C LYS A 16 2.28 -6.41 -23.04
N ILE A 17 3.23 -7.20 -22.53
CA ILE A 17 4.54 -6.64 -22.20
C ILE A 17 5.20 -6.05 -23.44
N ASN A 18 4.98 -6.67 -24.60
CA ASN A 18 5.57 -6.14 -25.83
C ASN A 18 4.95 -4.81 -26.22
N LYS A 19 3.65 -4.63 -25.98
CA LYS A 19 3.01 -3.36 -26.27
C LYS A 19 3.52 -2.27 -25.34
N ILE A 20 3.74 -2.61 -24.06
CA ILE A 20 4.17 -1.62 -23.08
C ILE A 20 5.51 -1.02 -23.48
N VAL A 21 6.48 -1.87 -23.85
CA VAL A 21 7.83 -1.40 -24.08
C VAL A 21 7.97 -0.63 -25.39
N ASN A 22 6.96 -0.66 -26.26
CA ASN A 22 6.91 0.22 -27.42
C ASN A 22 6.12 1.49 -27.16
N GLY A 23 5.82 1.79 -25.90
CA GLY A 23 5.19 3.04 -25.54
C GLY A 23 6.20 4.15 -25.37
N THR A 24 5.77 5.22 -24.71
CA THR A 24 6.66 6.35 -24.47
C THR A 24 7.64 6.02 -23.34
N ASP A 25 8.92 6.18 -23.62
CA ASP A 25 9.97 5.88 -22.64
C ASP A 25 10.15 7.09 -21.72
N LEU A 26 9.75 6.95 -20.46
CA LEU A 26 9.85 8.01 -19.47
C LEU A 26 11.03 7.81 -18.51
N THR A 27 11.87 6.80 -18.75
CA THR A 27 12.90 6.45 -17.78
C THR A 27 13.78 7.62 -17.34
N PRO A 28 14.19 8.54 -18.22
CA PRO A 28 15.08 9.62 -17.76
C PRO A 28 14.45 10.53 -16.73
N HIS A 29 13.12 10.51 -16.58
CA HIS A 29 12.48 11.32 -15.55
C HIS A 29 12.64 10.73 -14.16
N TYR A 30 13.02 9.45 -14.05
CA TYR A 30 12.97 8.75 -12.77
C TYR A 30 14.24 7.98 -12.45
N LEU A 31 14.94 7.48 -13.47
CA LEU A 31 16.18 6.75 -13.30
C LEU A 31 17.24 7.34 -14.23
N SER A 32 18.50 7.24 -13.83
CA SER A 32 19.57 7.85 -14.59
C SER A 32 20.01 6.92 -15.73
N GLU A 33 20.92 7.44 -16.56
CA GLU A 33 21.25 6.76 -17.81
C GLU A 33 21.81 5.36 -17.60
N PRO A 34 22.85 5.14 -16.79
CA PRO A 34 23.51 3.83 -16.78
C PRO A 34 22.74 2.73 -16.07
N ASN A 35 21.53 2.98 -15.58
CA ASN A 35 20.75 1.91 -14.97
C ASN A 35 20.14 1.03 -16.06
N LYS A 36 20.21 -0.29 -15.85
CA LYS A 36 19.75 -1.25 -16.85
C LYS A 36 18.79 -2.29 -16.30
N GLU A 37 18.28 -2.12 -15.08
CA GLU A 37 17.36 -3.12 -14.56
C GLU A 37 15.89 -2.76 -14.82
N PHE A 38 15.55 -1.48 -14.77
CA PHE A 38 14.17 -1.05 -14.97
C PHE A 38 14.09 0.04 -16.03
N LYS A 39 12.99 0.03 -16.76
CA LYS A 39 12.57 1.13 -17.61
C LYS A 39 11.13 1.47 -17.29
N ILE A 40 10.75 2.72 -17.51
CA ILE A 40 9.43 3.23 -17.18
C ILE A 40 8.79 3.73 -18.46
N TYR A 41 7.56 3.25 -18.73
CA TYR A 41 6.88 3.53 -19.98
C TYR A 41 5.46 4.01 -19.69
N ARG A 42 4.95 4.88 -20.56
CA ARG A 42 3.54 5.19 -20.62
C ARG A 42 2.94 4.50 -21.83
N TYR A 43 1.98 3.61 -21.60
CA TYR A 43 1.29 2.89 -22.66
C TYR A 43 -0.20 3.07 -22.47
N ASN A 44 -0.85 3.66 -23.47
CA ASN A 44 -2.28 3.99 -23.41
C ASN A 44 -2.63 4.64 -22.07
N ASN A 45 -1.96 5.76 -21.80
CA ASN A 45 -2.26 6.66 -20.69
C ASN A 45 -1.99 6.05 -19.33
N GLU A 46 -1.31 4.91 -19.26
CA GLU A 46 -0.96 4.26 -18.01
C GLU A 46 0.54 4.09 -17.95
N VAL A 47 1.11 4.26 -16.75
CA VAL A 47 2.55 4.28 -16.56
C VAL A 47 2.98 2.98 -15.90
N TYR A 48 3.95 2.30 -16.51
CA TYR A 48 4.40 0.98 -16.10
C TYR A 48 5.88 1.01 -15.77
N ALA A 49 6.29 0.16 -14.83
CA ALA A 49 7.69 -0.18 -14.64
C ALA A 49 7.93 -1.56 -15.25
N VAL A 50 9.00 -1.69 -16.03
CA VAL A 50 9.36 -2.93 -16.69
C VAL A 50 10.73 -3.36 -16.19
N ARG A 51 10.84 -4.59 -15.72
CA ARG A 51 12.10 -5.16 -15.28
C ARG A 51 12.80 -5.83 -16.46
N PHE A 52 14.11 -5.59 -16.58
CA PHE A 52 14.91 -6.12 -17.66
C PHE A 52 16.04 -6.98 -17.13
N GLU A 53 16.51 -7.91 -17.96
CA GLU A 53 17.71 -8.69 -17.68
C GLU A 53 18.37 -8.99 -19.02
N ASN A 54 19.52 -8.37 -19.27
CA ASN A 54 20.26 -8.53 -20.53
C ASN A 54 19.38 -8.14 -21.72
N ASP A 55 18.82 -6.94 -21.64
CA ASP A 55 18.05 -6.29 -22.69
C ASP A 55 16.69 -6.92 -22.94
N GLU A 56 16.33 -8.01 -22.24
CA GLU A 56 15.02 -8.62 -22.47
C GLU A 56 14.04 -8.19 -21.39
N PRO A 57 12.82 -7.79 -21.75
CA PRO A 57 11.83 -7.46 -20.72
C PRO A 57 11.34 -8.72 -20.01
N MET A 58 11.37 -8.69 -18.68
CA MET A 58 11.07 -9.85 -17.86
C MET A 58 9.69 -9.80 -17.24
N ASP A 59 9.24 -8.62 -16.83
CA ASP A 59 8.04 -8.48 -16.01
C ASP A 59 7.67 -7.01 -16.02
N TYR A 60 6.40 -6.73 -15.73
CA TYR A 60 5.91 -5.36 -15.67
C TYR A 60 4.90 -5.22 -14.54
N VAL A 61 4.73 -3.98 -14.09
CA VAL A 61 3.72 -3.63 -13.10
C VAL A 61 3.16 -2.26 -13.44
N LEU A 62 1.84 -2.14 -13.38
CA LEU A 62 1.15 -0.89 -13.69
C LEU A 62 1.12 -0.03 -12.43
N MET A 63 1.72 1.15 -12.50
CA MET A 63 1.89 2.00 -11.33
C MET A 63 0.78 3.04 -11.18
N TRP A 64 0.47 3.78 -12.23
CA TRP A 64 -0.59 4.78 -12.15
C TRP A 64 -1.10 5.11 -13.55
N LYS A 65 -2.23 5.81 -13.57
CA LYS A 65 -2.84 6.27 -14.82
C LYS A 65 -2.59 7.77 -14.97
N SER A 66 -2.10 8.16 -16.14
CA SER A 66 -1.84 9.56 -16.42
C SER A 66 -3.11 10.26 -16.89
N HIS A 67 -3.06 11.59 -16.84
CA HIS A 67 -4.20 12.41 -17.25
C HIS A 67 -4.20 12.61 -18.76
N GLY A 110 16.93 20.09 3.15
CA GLY A 110 16.26 19.37 2.10
C GLY A 110 17.07 19.33 0.81
N ARG A 111 18.39 19.40 0.94
CA ARG A 111 19.30 19.44 -0.20
C ARG A 111 19.98 18.08 -0.33
N HIS A 112 19.38 17.19 -1.12
CA HIS A 112 19.96 15.89 -1.43
C HIS A 112 20.43 15.86 -2.88
N PRO A 113 21.39 14.99 -3.21
CA PRO A 113 21.75 14.81 -4.62
C PRO A 113 20.74 13.95 -5.36
N ARG A 114 20.78 14.07 -6.69
CA ARG A 114 19.88 13.30 -7.53
C ARG A 114 19.96 11.80 -7.22
N GLU A 115 21.17 11.30 -6.94
CA GLU A 115 21.33 9.87 -6.71
C GLU A 115 20.63 9.42 -5.44
N PHE A 116 20.52 10.31 -4.44
CA PHE A 116 19.76 10.01 -3.24
C PHE A 116 18.32 9.64 -3.57
N TYR A 117 17.69 10.41 -4.46
CA TYR A 117 16.31 10.14 -4.84
C TYR A 117 16.19 8.95 -5.76
N GLU A 118 17.19 8.71 -6.62
CA GLU A 118 17.15 7.56 -7.51
C GLU A 118 17.21 6.25 -6.73
N GLU A 119 17.97 6.22 -5.63
CA GLU A 119 17.98 5.03 -4.77
C GLU A 119 16.60 4.79 -4.18
N ILE A 120 15.88 5.86 -3.83
CA ILE A 120 14.53 5.72 -3.32
C ILE A 120 13.61 5.17 -4.39
N ASN A 121 13.70 5.69 -5.61
CA ASN A 121 12.85 5.20 -6.69
C ASN A 121 13.07 3.71 -6.93
N LEU A 122 14.32 3.25 -6.89
CA LEU A 122 14.58 1.83 -7.08
C LEU A 122 13.97 1.01 -5.95
N HIS A 123 13.93 1.56 -4.73
CA HIS A 123 13.25 0.89 -3.64
C HIS A 123 11.75 0.83 -3.89
N ILE A 124 11.17 1.93 -4.37
CA ILE A 124 9.73 1.97 -4.63
C ILE A 124 9.36 0.99 -5.75
N ILE A 125 10.15 0.95 -6.82
CA ILE A 125 9.86 0.03 -7.92
C ILE A 125 9.87 -1.41 -7.40
N GLU A 126 10.84 -1.74 -6.55
CA GLU A 126 10.87 -3.08 -5.98
C GLU A 126 9.71 -3.31 -5.02
N GLN A 127 9.24 -2.26 -4.35
CA GLN A 127 8.03 -2.38 -3.57
C GLN A 127 6.84 -2.74 -4.45
N GLN A 128 6.75 -2.14 -5.64
CA GLN A 128 5.63 -2.42 -6.53
C GLN A 128 5.59 -3.89 -6.93
N PHE A 129 6.75 -4.46 -7.30
CA PHE A 129 6.78 -5.86 -7.67
C PHE A 129 6.54 -6.76 -6.46
N PHE A 130 7.09 -6.39 -5.30
CA PHE A 130 6.83 -7.13 -4.07
C PHE A 130 5.33 -7.21 -3.81
N LEU A 131 4.63 -6.07 -3.92
CA LEU A 131 3.19 -6.06 -3.69
C LEU A 131 2.46 -6.87 -4.76
N LYS A 132 2.93 -6.83 -6.00
CA LYS A 132 2.26 -7.58 -7.07
C LYS A 132 2.22 -9.06 -6.75
N TYR A 133 3.32 -9.62 -6.28
CA TYR A 133 3.39 -11.05 -6.01
C TYR A 133 2.90 -11.43 -4.62
N HIS A 134 2.56 -10.45 -3.80
CA HIS A 134 1.68 -10.68 -2.67
C HIS A 134 0.21 -10.52 -3.05
N GLY A 135 -0.08 -10.12 -4.29
CA GLY A 135 -1.44 -10.00 -4.77
C GLY A 135 -2.20 -8.80 -4.27
N ILE A 136 -1.53 -7.76 -3.81
CA ILE A 136 -2.20 -6.64 -3.17
C ILE A 136 -1.78 -5.31 -3.79
N GLN A 137 -1.02 -5.35 -4.88
CA GLN A 137 -0.45 -4.13 -5.43
C GLN A 137 -1.53 -3.14 -5.86
N GLU A 138 -2.69 -3.63 -6.30
CA GLU A 138 -3.71 -2.74 -6.83
C GLU A 138 -4.39 -1.89 -5.75
N HIS A 139 -4.15 -2.19 -4.47
CA HIS A 139 -4.73 -1.40 -3.39
C HIS A 139 -3.96 -0.13 -3.07
N PHE A 140 -2.83 0.09 -3.73
CA PHE A 140 -1.94 1.20 -3.40
C PHE A 140 -1.63 1.99 -4.65
N VAL A 141 -1.71 3.31 -4.54
CA VAL A 141 -1.37 4.23 -5.64
C VAL A 141 -0.08 4.92 -5.23
N LEU A 142 1.04 4.49 -5.81
CA LEU A 142 2.37 4.94 -5.44
C LEU A 142 3.00 5.72 -6.59
N GLY A 143 3.73 6.79 -6.23
CA GLY A 143 4.44 7.59 -7.18
C GLY A 143 5.95 7.41 -7.09
N LEU A 144 6.67 8.34 -7.69
CA LEU A 144 8.12 8.30 -7.74
C LEU A 144 8.65 9.73 -7.64
N TRP A 145 9.94 9.85 -7.30
CA TRP A 145 10.62 11.13 -7.35
C TRP A 145 11.00 11.45 -8.79
N ASN A 146 10.57 12.61 -9.29
CA ASN A 146 10.97 13.07 -10.61
C ASN A 146 12.32 13.79 -10.50
N ILE A 147 13.34 13.26 -11.15
CA ILE A 147 14.70 13.77 -11.08
C ILE A 147 15.16 14.33 -12.42
N LYS A 148 14.24 14.57 -13.35
CA LYS A 148 14.60 15.08 -14.66
C LYS A 148 15.44 16.34 -14.54
N ASN A 149 15.00 17.30 -13.73
CA ASN A 149 15.68 18.58 -13.55
C ASN A 149 16.32 18.61 -12.17
N GLU A 150 17.65 18.66 -12.14
CA GLU A 150 18.38 18.65 -10.86
C GLU A 150 17.94 19.78 -9.94
N GLU A 151 17.44 20.88 -10.51
CA GLU A 151 17.04 22.03 -9.72
C GLU A 151 15.56 22.03 -9.36
N ASN A 152 14.80 21.04 -9.83
CA ASN A 152 13.39 20.91 -9.49
C ASN A 152 13.07 19.42 -9.32
N VAL A 153 13.58 18.85 -8.23
CA VAL A 153 13.21 17.49 -7.86
C VAL A 153 11.92 17.55 -7.05
N TYR A 154 10.93 16.77 -7.46
CA TYR A 154 9.64 16.76 -6.80
C TYR A 154 9.08 15.34 -6.83
N PHE A 155 8.25 15.03 -5.84
CA PHE A 155 7.61 13.74 -5.75
C PHE A 155 6.22 13.84 -6.36
N TYR A 156 5.93 12.99 -7.34
CA TYR A 156 4.64 12.97 -7.99
C TYR A 156 3.71 12.03 -7.24
N MET A 157 2.61 12.56 -6.72
CA MET A 157 1.59 11.75 -6.07
C MET A 157 0.48 11.49 -7.08
N PRO A 158 0.36 10.27 -7.61
CA PRO A 158 -0.60 10.05 -8.71
C PRO A 158 -2.04 10.28 -8.30
N LYS A 159 -2.81 10.77 -9.26
CA LYS A 159 -4.23 11.08 -9.09
C LYS A 159 -5.07 9.93 -9.64
N ILE A 160 -6.37 9.98 -9.39
CA ILE A 160 -7.24 8.87 -9.73
C ILE A 160 -8.68 9.36 -9.85
N ASN A 161 -9.46 8.66 -10.67
CA ASN A 161 -10.90 8.86 -10.80
C ASN A 161 -11.57 7.89 -9.83
N ALA A 162 -12.00 8.39 -8.67
CA ALA A 162 -12.53 7.51 -7.64
C ALA A 162 -13.35 8.34 -6.65
N ILE A 163 -14.11 7.64 -5.82
CA ILE A 163 -15.08 8.25 -4.92
C ILE A 163 -14.74 7.85 -3.50
N PRO A 164 -15.25 8.57 -2.51
CA PRO A 164 -15.04 8.18 -1.12
C PRO A 164 -15.78 6.88 -0.79
N ILE A 165 -15.26 6.15 0.18
CA ILE A 165 -15.85 4.88 0.58
C ILE A 165 -17.09 5.13 1.44
N ASN A 166 -17.96 4.12 1.49
CA ASN A 166 -19.19 4.19 2.28
C ASN A 166 -19.35 2.88 3.06
N LYS A 167 -19.55 3.00 4.37
CA LYS A 167 -19.48 1.84 5.25
C LYS A 167 -20.43 0.74 4.81
N LYS A 168 -21.70 1.07 4.59
CA LYS A 168 -22.69 0.02 4.31
C LYS A 168 -22.47 -0.59 2.93
N ILE A 169 -22.33 0.26 1.91
CA ILE A 169 -22.22 -0.24 0.54
C ILE A 169 -20.93 -1.01 0.35
N ASP A 170 -19.80 -0.44 0.77
CA ASP A 170 -18.49 -0.93 0.38
C ASP A 170 -17.84 -1.86 1.40
N GLN A 171 -18.59 -2.36 2.39
CA GLN A 171 -17.93 -3.08 3.47
C GLN A 171 -17.08 -4.24 3.00
N PRO A 172 -17.53 -5.09 2.06
CA PRO A 172 -16.63 -6.16 1.58
C PRO A 172 -15.34 -5.64 0.99
N LYS A 173 -15.39 -4.55 0.21
CA LYS A 173 -14.17 -3.98 -0.36
C LYS A 173 -13.32 -3.33 0.72
N ILE A 174 -13.94 -2.75 1.74
CA ILE A 174 -13.18 -2.16 2.84
C ILE A 174 -12.43 -3.23 3.60
N GLU A 175 -13.11 -4.33 3.94
CA GLU A 175 -12.44 -5.43 4.62
C GLU A 175 -11.28 -5.96 3.78
N GLU A 176 -11.49 -6.10 2.47
CA GLU A 176 -10.41 -6.56 1.60
C GLU A 176 -9.24 -5.59 1.62
N PHE A 177 -9.50 -4.28 1.60
CA PHE A 177 -8.39 -3.34 1.64
C PHE A 177 -7.65 -3.41 2.98
N VAL A 178 -8.39 -3.48 4.08
CA VAL A 178 -7.75 -3.44 5.39
C VAL A 178 -6.82 -4.64 5.56
N LEU A 179 -7.25 -5.80 5.07
CA LEU A 179 -6.39 -6.98 5.16
C LEU A 179 -5.16 -6.83 4.29
N ALA A 180 -5.29 -6.19 3.12
CA ALA A 180 -4.12 -5.91 2.30
C ALA A 180 -3.16 -4.97 3.00
N LEU A 181 -3.70 -3.94 3.67
CA LEU A 181 -2.84 -3.02 4.42
C LEU A 181 -2.14 -3.74 5.56
N LYS A 182 -2.82 -4.68 6.23
CA LYS A 182 -2.16 -5.43 7.29
C LYS A 182 -1.02 -6.26 6.72
N GLU A 183 -1.22 -6.85 5.55
CA GLU A 183 -0.14 -7.59 4.89
C GLU A 183 1.06 -6.69 4.62
N LEU A 184 0.82 -5.46 4.15
CA LEU A 184 1.90 -4.50 4.00
C LEU A 184 2.53 -4.17 5.35
N ASN A 185 1.69 -3.87 6.36
CA ASN A 185 2.22 -3.58 7.68
C ASN A 185 3.01 -4.76 8.23
N ASP A 186 2.52 -5.99 8.01
CA ASP A 186 3.25 -7.16 8.48
C ASP A 186 4.66 -7.22 7.90
N ALA A 187 4.86 -6.68 6.70
CA ALA A 187 6.16 -6.69 6.06
C ALA A 187 7.06 -5.55 6.53
N GLY A 188 6.57 -4.66 7.39
CA GLY A 188 7.36 -3.58 7.91
C GLY A 188 7.23 -2.26 7.19
N TYR A 189 6.18 -2.07 6.41
CA TYR A 189 5.94 -0.85 5.65
C TYR A 189 4.60 -0.26 6.03
N TRP A 190 4.49 1.07 5.99
CA TRP A 190 3.24 1.72 6.34
C TRP A 190 3.08 3.05 5.62
N HIS A 191 1.82 3.51 5.60
CA HIS A 191 1.42 4.74 4.91
C HIS A 191 1.86 5.94 5.72
N PRO A 192 2.47 6.95 5.11
CA PRO A 192 2.94 8.12 5.88
C PRO A 192 1.86 9.08 6.33
N ASP A 193 0.62 8.92 5.84
CA ASP A 193 -0.46 9.85 6.12
C ASP A 193 -1.81 9.15 5.94
N LEU A 194 -2.07 8.15 6.77
CA LEU A 194 -3.38 7.47 6.78
C LEU A 194 -3.83 7.28 8.21
N ALA A 195 -2.96 6.72 9.06
CA ALA A 195 -3.21 6.64 10.50
C ALA A 195 -1.85 6.54 11.18
N ASN A 196 -1.34 7.69 11.63
CA ASN A 196 -0.01 7.76 12.23
C ASN A 196 0.04 7.09 13.59
N ASN A 197 -1.09 7.03 14.30
CA ASN A 197 -1.18 6.54 15.66
C ASN A 197 -2.67 6.40 15.98
N PRO A 198 -3.03 5.86 17.14
CA PRO A 198 -4.46 5.67 17.43
C PRO A 198 -5.27 6.95 17.42
N TYR A 199 -4.63 8.12 17.51
CA TYR A 199 -5.35 9.39 17.59
C TYR A 199 -5.30 10.18 16.28
N HIS A 200 -4.87 9.56 15.19
CA HIS A 200 -4.73 10.23 13.91
C HIS A 200 -5.37 9.40 12.80
N ILE A 201 -6.09 10.07 11.91
CA ILE A 201 -6.71 9.42 10.75
C ILE A 201 -6.79 10.44 9.63
N SER A 202 -6.59 9.98 8.39
CA SER A 202 -6.75 10.79 7.19
C SER A 202 -7.74 10.09 6.26
N PRO A 203 -9.04 10.22 6.53
CA PRO A 203 -10.02 9.48 5.71
C PRO A 203 -9.98 9.85 4.24
N GLN A 204 -9.49 11.04 3.91
CA GLN A 204 -9.44 11.49 2.52
C GLN A 204 -8.45 10.71 1.67
N ASN A 205 -7.62 9.86 2.28
CA ASN A 205 -6.64 9.08 1.54
C ASN A 205 -7.06 7.62 1.38
N LEU A 206 -8.36 7.35 1.55
CA LEU A 206 -9.00 6.12 1.12
C LEU A 206 -10.06 6.48 0.09
N ILE A 207 -10.10 5.75 -1.02
CA ILE A 207 -11.11 5.95 -2.05
C ILE A 207 -11.51 4.59 -2.61
N ALA A 208 -12.63 4.60 -3.34
CA ALA A 208 -13.16 3.40 -3.97
C ALA A 208 -13.29 3.64 -5.46
N THR A 209 -12.82 2.68 -6.24
CA THR A 209 -13.23 2.54 -7.63
C THR A 209 -14.43 1.61 -7.65
N GLU A 210 -14.88 1.22 -8.84
CA GLU A 210 -15.98 0.26 -8.92
C GLU A 210 -15.54 -1.15 -8.61
N GLU A 211 -14.23 -1.43 -8.63
CA GLU A 211 -13.73 -2.75 -8.30
C GLU A 211 -13.30 -2.89 -6.85
N MET A 212 -12.65 -1.87 -6.27
CA MET A 212 -11.96 -2.08 -5.02
C MET A 212 -11.75 -0.74 -4.31
N VAL A 213 -11.26 -0.84 -3.07
CA VAL A 213 -10.82 0.29 -2.26
C VAL A 213 -9.31 0.38 -2.36
N LYS A 214 -8.80 1.60 -2.53
CA LYS A 214 -7.37 1.86 -2.63
C LYS A 214 -7.02 2.98 -1.66
N THR A 215 -5.72 3.10 -1.35
CA THR A 215 -5.20 4.22 -0.58
C THR A 215 -4.24 5.02 -1.44
N ILE A 216 -4.17 6.33 -1.19
CA ILE A 216 -3.51 7.28 -2.08
C ILE A 216 -2.66 8.25 -1.25
N ASP A 217 -1.89 9.07 -1.97
CA ASP A 217 -1.19 10.23 -1.41
C ASP A 217 -0.17 9.79 -0.35
N LEU A 218 0.76 8.95 -0.79
CA LEU A 218 1.90 8.55 0.03
C LEU A 218 3.10 9.40 -0.40
N ASP A 219 3.23 10.57 0.24
CA ASP A 219 4.31 11.50 -0.07
C ASP A 219 5.65 10.85 0.25
N GLY A 220 6.45 10.57 -0.78
CA GLY A 220 7.71 9.89 -0.59
C GLY A 220 7.62 8.39 -0.46
N GLY A 221 6.44 7.81 -0.59
CA GLY A 221 6.28 6.38 -0.54
C GLY A 221 6.07 5.85 0.86
N PHE A 222 6.14 4.52 0.97
CA PHE A 222 5.96 3.87 2.26
C PHE A 222 7.04 4.30 3.25
N ARG A 223 6.66 4.34 4.52
CA ARG A 223 7.62 4.45 5.61
C ARG A 223 8.03 3.04 6.05
N TYR A 224 9.15 2.98 6.76
CA TYR A 224 9.70 1.70 7.21
C TYR A 224 10.76 1.98 8.28
N ASP A 225 11.21 0.90 8.91
CA ASP A 225 12.20 1.02 9.98
C ASP A 225 13.56 1.38 9.40
N LYS A 226 14.11 2.51 9.84
CA LYS A 226 15.45 2.95 9.43
C LYS A 226 16.49 2.75 10.53
N GLY A 227 16.13 2.12 11.64
CA GLY A 227 17.08 1.73 12.66
C GLY A 227 17.28 2.71 13.79
N ARG A 228 16.62 3.87 13.75
CA ARG A 228 16.78 4.84 14.82
C ARG A 228 16.17 4.32 16.12
N VAL A 229 16.68 4.82 17.24
CA VAL A 229 16.36 4.27 18.56
C VAL A 229 15.78 5.30 19.51
N ASP A 230 15.57 6.54 19.07
CA ASP A 230 14.84 7.49 19.89
C ASP A 230 13.41 6.98 20.12
N GLU A 231 12.77 7.52 21.15
CA GLU A 231 11.45 7.01 21.52
C GLU A 231 10.44 7.18 20.40
N LEU A 232 10.43 8.34 19.74
CA LEU A 232 9.43 8.59 18.72
C LEU A 232 9.54 7.59 17.57
N SER A 233 10.76 7.25 17.16
CA SER A 233 10.93 6.25 16.12
C SER A 233 10.54 4.86 16.61
N ARG A 234 10.85 4.55 17.87
CA ARG A 234 10.38 3.29 18.45
C ARG A 234 8.86 3.23 18.45
N LYS A 235 8.20 4.32 18.83
CA LYS A 235 6.75 4.36 18.82
C LYS A 235 6.20 4.22 17.41
N SER A 236 6.77 4.99 16.46
CA SER A 236 6.26 4.95 15.09
C SER A 236 6.35 3.55 14.50
N LEU A 237 7.37 2.78 14.89
CA LEU A 237 7.49 1.41 14.38
C LEU A 237 6.32 0.55 14.83
N VAL A 238 5.95 0.65 16.11
CA VAL A 238 4.80 -0.07 16.62
C VAL A 238 3.53 0.40 15.91
N TYR A 239 3.33 1.71 15.86
CA TYR A 239 2.15 2.26 15.19
C TYR A 239 2.08 1.83 13.74
N GLY A 240 3.22 1.70 13.06
CA GLY A 240 3.21 1.26 11.67
C GLY A 240 2.80 -0.19 11.53
N LYS A 241 3.21 -1.04 12.47
CA LYS A 241 2.82 -2.44 12.44
C LYS A 241 1.32 -2.60 12.61
N ASP A 242 0.68 -1.74 13.41
CA ASP A 242 -0.74 -1.85 13.73
C ASP A 242 -1.60 -0.83 12.97
N GLN A 243 -1.04 -0.16 11.97
CA GLN A 243 -1.78 0.90 11.27
C GLN A 243 -3.13 0.41 10.77
N TRP A 244 -3.17 -0.80 10.20
CA TRP A 244 -4.41 -1.36 9.68
C TRP A 244 -5.49 -1.43 10.75
N LEU A 245 -5.10 -1.66 12.00
CA LEU A 245 -6.09 -1.78 13.08
C LEU A 245 -6.73 -0.44 13.39
N TYR A 246 -5.94 0.63 13.33
CA TYR A 246 -6.47 1.97 13.57
C TYR A 246 -7.48 2.35 12.49
N VAL A 247 -7.13 2.10 11.23
CA VAL A 247 -8.05 2.38 10.13
C VAL A 247 -9.36 1.64 10.32
N TYR A 248 -9.28 0.35 10.67
CA TYR A 248 -10.50 -0.45 10.77
C TYR A 248 -11.38 0.02 11.92
N ASN A 249 -10.79 0.34 13.06
CA ASN A 249 -11.58 0.76 14.21
C ASN A 249 -12.06 2.19 14.10
N PHE A 250 -11.39 3.02 13.31
CA PHE A 250 -11.99 4.30 12.93
C PHE A 250 -13.29 4.07 12.17
N ILE A 251 -13.29 3.11 11.24
CA ILE A 251 -14.47 2.87 10.41
C ILE A 251 -15.54 2.13 11.19
N TYR A 252 -15.17 1.09 11.94
CA TYR A 252 -16.11 0.23 12.65
C TYR A 252 -15.74 0.19 14.12
N PRO A 253 -15.97 1.28 14.85
CA PRO A 253 -15.57 1.33 16.27
C PRO A 253 -16.44 0.41 17.10
N PRO A 254 -15.88 -0.23 18.12
CA PRO A 254 -16.69 -1.10 18.98
C PRO A 254 -17.59 -0.30 19.91
N THR A 255 -18.68 -0.94 20.33
CA THR A 255 -19.67 -0.31 21.19
C THR A 255 -19.88 -1.17 22.44
N ASP A 256 -20.29 -0.52 23.53
CA ASP A 256 -20.41 -1.16 24.82
C ASP A 256 -21.84 -1.62 25.08
N GLU A 257 -22.10 -2.10 26.32
CA GLU A 257 -23.40 -2.64 26.67
C GLU A 257 -24.53 -1.62 26.53
N GLU A 258 -24.21 -0.33 26.59
CA GLU A 258 -25.19 0.73 26.43
C GLU A 258 -25.22 1.30 25.02
N ASP A 259 -24.49 0.69 24.09
CA ASP A 259 -24.41 1.14 22.69
C ASP A 259 -23.72 2.49 22.55
N HIS A 260 -22.81 2.81 23.46
CA HIS A 260 -21.93 3.96 23.29
C HIS A 260 -20.64 3.51 22.63
N ARG A 261 -20.08 4.39 21.80
CA ARG A 261 -18.77 4.12 21.20
C ARG A 261 -17.72 3.97 22.29
N ILE A 262 -16.93 2.91 22.20
CA ILE A 262 -15.82 2.67 23.11
C ILE A 262 -14.60 3.42 22.59
N ASP A 263 -13.90 4.11 23.50
CA ASP A 263 -12.63 4.73 23.16
C ASP A 263 -11.56 3.64 23.17
N TRP A 264 -11.53 2.88 22.07
CA TRP A 264 -10.58 1.78 21.93
C TRP A 264 -9.13 2.25 22.00
N ARG A 265 -8.89 3.56 21.88
CA ARG A 265 -7.51 4.05 21.86
C ARG A 265 -6.86 3.92 23.23
N VAL A 266 -7.63 4.05 24.30
CA VAL A 266 -7.09 4.08 25.67
C VAL A 266 -6.54 2.71 26.04
N PRO A 267 -7.32 1.62 25.95
CA PRO A 267 -6.76 0.31 26.31
C PRO A 267 -5.55 -0.06 25.46
N ILE A 268 -5.59 0.26 24.17
CA ILE A 268 -4.48 -0.05 23.28
C ILE A 268 -3.23 0.71 23.71
N GLU A 269 -3.35 2.03 23.87
CA GLU A 269 -2.20 2.84 24.27
C GLU A 269 -1.65 2.40 25.62
N LYS A 270 -2.53 1.99 26.54
CA LYS A 270 -2.05 1.50 27.83
C LYS A 270 -1.25 0.21 27.66
N TRP A 271 -1.71 -0.68 26.78
CA TRP A 271 -0.98 -1.91 26.56
C TRP A 271 0.38 -1.64 25.90
N TYR A 272 0.42 -0.72 24.94
CA TYR A 272 1.71 -0.35 24.35
C TYR A 272 2.67 0.16 25.42
N GLU A 273 2.19 0.98 26.36
CA GLU A 273 3.05 1.51 27.41
C GLU A 273 3.72 0.40 28.19
N ASN A 274 2.99 -0.66 28.52
CA ASN A 274 3.49 -1.74 29.35
C ASN A 274 4.13 -2.87 28.56
N ASN A 275 4.21 -2.76 27.22
CA ASN A 275 4.84 -3.76 26.38
C ASN A 275 5.64 -3.02 25.30
N ARG A 276 6.70 -2.35 25.73
CA ARG A 276 7.42 -1.45 24.84
C ARG A 276 8.02 -2.20 23.65
N ASP A 277 8.00 -1.54 22.49
CA ASP A 277 8.51 -2.08 21.23
C ASP A 277 7.72 -3.29 20.75
N GLU A 278 6.52 -3.48 21.29
CA GLU A 278 5.67 -4.62 20.96
C GLU A 278 4.42 -4.12 20.26
N SER A 279 4.04 -4.80 19.18
CA SER A 279 2.80 -4.50 18.45
C SER A 279 1.78 -5.60 18.71
N LEU A 280 0.50 -5.22 18.62
CA LEU A 280 -0.55 -6.22 18.75
C LEU A 280 -0.53 -7.21 17.59
N SER A 281 -0.13 -6.76 16.39
CA SER A 281 -0.11 -7.65 15.25
C SER A 281 0.91 -8.77 15.42
N ASP A 282 2.01 -8.52 16.13
CA ASP A 282 2.99 -9.54 16.42
C ASP A 282 2.65 -10.36 17.66
N ASN A 283 1.54 -10.06 18.32
CA ASN A 283 1.07 -10.80 19.49
C ASN A 283 -0.40 -11.16 19.27
N PRO A 284 -0.67 -12.08 18.34
CA PRO A 284 -2.06 -12.34 17.96
C PRO A 284 -2.95 -12.77 19.11
N HIS A 285 -2.42 -13.52 20.08
CA HIS A 285 -3.24 -13.96 21.20
C HIS A 285 -3.74 -12.78 22.01
N THR A 286 -2.90 -11.75 22.17
CA THR A 286 -3.35 -10.54 22.86
C THR A 286 -4.34 -9.75 22.00
N LEU A 287 -4.05 -9.64 20.70
CA LEU A 287 -4.99 -9.01 19.78
C LEU A 287 -6.37 -9.62 19.92
N LEU A 288 -6.44 -10.96 19.93
CA LEU A 288 -7.73 -11.64 20.01
C LEU A 288 -8.40 -11.45 21.36
N ARG A 289 -7.62 -11.31 22.44
CA ARG A 289 -8.23 -11.11 23.75
C ARG A 289 -8.91 -9.76 23.83
N PHE A 290 -8.26 -8.70 23.33
CA PHE A 290 -8.92 -7.41 23.22
C PHE A 290 -10.17 -7.51 22.36
N TYR A 291 -10.08 -8.24 21.25
CA TYR A 291 -11.21 -8.44 20.35
C TYR A 291 -12.39 -9.09 21.08
N HIS A 292 -12.13 -10.18 21.79
CA HIS A 292 -13.23 -10.92 22.44
C HIS A 292 -13.77 -10.18 23.64
N GLU A 293 -12.96 -9.33 24.28
CA GLU A 293 -13.47 -8.47 25.34
C GLU A 293 -14.31 -7.31 24.79
N GLY A 294 -14.33 -7.12 23.48
CA GLY A 294 -15.09 -6.04 22.88
C GLY A 294 -14.38 -4.70 22.83
N LEU A 295 -13.07 -4.67 23.04
CA LEU A 295 -12.34 -3.41 23.09
C LEU A 295 -11.83 -2.97 21.73
N ILE A 296 -11.73 -3.88 20.76
CA ILE A 296 -11.36 -3.53 19.39
C ILE A 296 -12.21 -4.36 18.43
N SER A 297 -12.41 -3.83 17.23
CA SER A 297 -13.02 -4.57 16.14
C SER A 297 -11.93 -5.21 15.29
N LEU A 298 -12.28 -6.31 14.62
CA LEU A 298 -11.37 -6.98 13.70
C LEU A 298 -12.12 -7.36 12.43
N PRO A 299 -11.45 -7.37 11.28
CA PRO A 299 -12.09 -7.92 10.08
C PRO A 299 -12.45 -9.38 10.28
N LYS A 300 -13.63 -9.75 9.79
CA LYS A 300 -14.16 -11.10 9.98
C LYS A 300 -13.17 -12.16 9.54
N LYS A 301 -12.63 -12.03 8.32
CA LYS A 301 -11.73 -13.05 7.79
C LYS A 301 -10.46 -13.17 8.64
N LEU A 302 -9.97 -12.06 9.20
CA LEU A 302 -8.79 -12.14 10.05
C LEU A 302 -9.09 -12.93 11.32
N ALA A 303 -10.21 -12.65 11.97
CA ALA A 303 -10.59 -13.40 13.16
C ALA A 303 -10.75 -14.88 12.84
N HIS A 304 -11.44 -15.17 11.74
CA HIS A 304 -11.54 -16.53 11.22
C HIS A 304 -10.16 -17.16 11.09
N ASP A 305 -9.25 -16.51 10.36
CA ASP A 305 -7.97 -17.13 10.04
C ASP A 305 -7.09 -17.27 11.26
N LEU A 306 -7.07 -16.27 12.15
CA LEU A 306 -6.28 -16.38 13.37
C LEU A 306 -6.77 -17.55 14.23
N HIS A 307 -8.09 -17.70 14.35
CA HIS A 307 -8.63 -18.81 15.12
C HIS A 307 -8.28 -20.15 14.49
N GLU A 308 -8.41 -20.26 13.16
CA GLU A 308 -8.11 -21.53 12.52
C GLU A 308 -6.64 -21.89 12.64
N THR A 309 -5.76 -20.87 12.64
CA THR A 309 -4.33 -21.15 12.81
C THR A 309 -4.04 -21.64 14.22
N ILE A 310 -4.56 -20.94 15.24
CA ILE A 310 -4.33 -21.36 16.62
C ILE A 310 -4.97 -22.72 16.88
N LEU A 311 -6.09 -23.02 16.21
CA LEU A 311 -6.72 -24.33 16.34
C LEU A 311 -5.74 -25.44 15.97
N GLU A 312 -4.97 -25.25 14.90
CA GLU A 312 -4.16 -26.31 14.31
C GLU A 312 -2.73 -26.32 14.82
N GLU A 313 -2.44 -25.65 15.93
CA GLU A 313 -1.07 -25.61 16.45
C GLU A 313 -0.99 -26.13 17.87
#